data_5NLA
#
_entry.id   5NLA
#
_cell.length_a   80.662
_cell.length_b   80.662
_cell.length_c   125.596
_cell.angle_alpha   90.00
_cell.angle_beta   90.00
_cell.angle_gamma   90.00
#
_symmetry.space_group_name_H-M   'P 43 2 2'
#
loop_
_entity.id
_entity.type
_entity.pdbx_description
1 polymer 'Putative transcriptional regulator TRANSCRIPTION REGULATOR protein'
2 water water
#
_entity_poly.entity_id   1
_entity_poly.type   'polypeptide(L)'
_entity_poly.pdbx_seq_one_letter_code
;MTKDSGSGDDPVEVPAWPAHMERRRWPRDPTARKDRLAERSPALVPSRFSTRDLPPQEQFRSWRAHMAPLVDVRLPDGVS
EEDGFPAELTGWHLGDLLIVQQVTPAHSYERSQTMLRSSPIDHWNVGLFRSGRSWTEADRRVTETGPGEFFFRSLGYPYR
GRMTDAASILLFMPYELLADDAGKLEGANNSVLSGNLADLLANYINGMEENLGNITVEEVPRIVRTIRDMVVACVAAVRP
DAGGSQAKMGVMERAHRYIHLNLNSGDLTPETICRELGISRTRLYQLFEPSGGVLNYIRRRRLLQAYAELSDPTNNRPIG
EIAEAAGFDLAANFTRAFSHEFGASPREIRKAAATERLATPVAPRERDRGATIGDWLKSVQG
;
_entity_poly.pdbx_strand_id   A
#
# COMPACT_ATOMS: atom_id res chain seq x y z
N SER A 47 -8.36 -6.13 -18.23
CA SER A 47 -7.62 -5.44 -17.14
C SER A 47 -7.61 -6.28 -15.84
N ARG A 48 -7.44 -7.60 -15.98
CA ARG A 48 -7.78 -8.56 -14.92
C ARG A 48 -6.64 -9.44 -14.39
N PHE A 49 -6.52 -9.51 -13.07
CA PHE A 49 -5.71 -10.56 -12.43
C PHE A 49 -6.30 -11.05 -11.11
N SER A 50 -6.16 -12.35 -10.89
CA SER A 50 -6.86 -13.08 -9.83
C SER A 50 -5.91 -14.05 -9.14
N THR A 51 -6.14 -14.25 -7.85
CA THR A 51 -5.39 -15.21 -7.05
C THR A 51 -6.35 -15.83 -6.05
N ARG A 52 -6.51 -17.14 -6.11
CA ARG A 52 -7.18 -17.85 -5.03
C ARG A 52 -6.50 -19.16 -4.79
N ASP A 53 -6.90 -19.81 -3.72
CA ASP A 53 -6.33 -21.10 -3.39
C ASP A 53 -7.38 -22.18 -3.17
N LEU A 54 -8.59 -21.99 -3.70
CA LEU A 54 -9.64 -23.01 -3.60
C LEU A 54 -9.33 -24.33 -4.35
N PRO A 55 -8.60 -24.29 -5.49
CA PRO A 55 -8.20 -25.55 -6.16
C PRO A 55 -7.04 -26.38 -5.56
N PRO A 56 -6.09 -25.77 -4.82
CA PRO A 56 -5.18 -26.60 -4.00
C PRO A 56 -5.83 -27.26 -2.76
N GLN A 57 -5.03 -27.85 -1.88
CA GLN A 57 -5.47 -28.24 -0.52
C GLN A 57 -4.66 -27.68 0.68
N GLU A 58 -3.32 -27.56 0.54
CA GLU A 58 -2.48 -26.81 1.51
C GLU A 58 -2.28 -25.36 1.02
N GLN A 59 -3.30 -24.58 1.34
CA GLN A 59 -3.65 -23.33 0.69
C GLN A 59 -3.02 -22.12 1.40
N PHE A 60 -2.80 -22.26 2.71
CA PHE A 60 -2.18 -21.21 3.50
C PHE A 60 -0.77 -20.96 3.02
N ARG A 61 -0.01 -22.05 2.89
CA ARG A 61 1.35 -21.96 2.36
C ARG A 61 1.39 -21.20 1.01
N SER A 62 0.45 -21.49 0.10
CA SER A 62 0.35 -20.73 -1.15
C SER A 62 0.03 -19.27 -0.89
N TRP A 63 -1.03 -19.03 -0.13
CA TRP A 63 -1.39 -17.67 0.26
C TRP A 63 -0.22 -16.86 0.83
N ARG A 64 0.57 -17.49 1.68
CA ARG A 64 1.71 -16.82 2.29
C ARG A 64 2.79 -16.43 1.27
N ALA A 65 2.97 -17.31 0.29
CA ALA A 65 3.90 -17.05 -0.80
C ALA A 65 3.47 -15.83 -1.58
N HIS A 66 2.19 -15.78 -1.95
CA HIS A 66 1.65 -14.66 -2.75
C HIS A 66 1.72 -13.32 -2.02
N MET A 67 1.63 -13.34 -0.70
CA MET A 67 1.58 -12.14 0.11
C MET A 67 2.92 -11.74 0.73
N ALA A 68 3.94 -12.60 0.61
CA ALA A 68 5.28 -12.40 1.25
C ALA A 68 5.97 -11.05 1.06
N PRO A 69 5.99 -10.50 -0.19
CA PRO A 69 6.54 -9.16 -0.42
C PRO A 69 5.91 -8.07 0.43
N LEU A 70 4.65 -8.25 0.82
CA LEU A 70 3.91 -7.25 1.57
C LEU A 70 3.95 -7.53 3.06
N VAL A 71 3.58 -8.74 3.42
CA VAL A 71 3.41 -9.13 4.81
C VAL A 71 3.82 -10.57 4.97
N ASP A 72 4.47 -10.87 6.09
CA ASP A 72 4.62 -12.23 6.54
C ASP A 72 3.35 -12.60 7.31
N VAL A 73 2.75 -13.72 6.95
CA VAL A 73 1.49 -14.17 7.55
C VAL A 73 1.64 -15.48 8.31
N ARG A 74 0.79 -15.67 9.32
CA ARG A 74 0.78 -16.86 10.18
C ARG A 74 -0.65 -17.16 10.55
N LEU A 75 -0.96 -18.44 10.75
CA LEU A 75 -2.28 -18.84 11.19
C LEU A 75 -2.52 -18.45 12.65
N PRO A 76 -3.80 -18.41 13.09
CA PRO A 76 -4.05 -18.20 14.52
C PRO A 76 -3.60 -19.38 15.29
N ASP A 77 -3.25 -19.17 16.54
CA ASP A 77 -2.83 -20.25 17.40
C ASP A 77 -3.97 -21.24 17.56
N GLY A 78 -3.67 -22.52 17.31
CA GLY A 78 -4.68 -23.58 17.34
C GLY A 78 -5.04 -24.15 15.98
N VAL A 79 -5.07 -23.30 14.96
CA VAL A 79 -5.57 -23.67 13.64
C VAL A 79 -4.51 -24.45 12.87
N SER A 80 -4.89 -25.64 12.44
CA SER A 80 -4.00 -26.53 11.70
C SER A 80 -4.03 -26.14 10.22
N GLU A 81 -2.95 -26.43 9.49
CA GLU A 81 -2.92 -26.19 8.04
C GLU A 81 -3.76 -27.22 7.29
N GLU A 82 -4.03 -28.35 7.92
CA GLU A 82 -5.03 -29.35 7.47
C GLU A 82 -6.38 -28.74 7.13
N ASP A 83 -6.88 -27.89 8.03
CA ASP A 83 -8.17 -27.23 7.89
C ASP A 83 -8.40 -26.56 6.52
N GLY A 84 -7.33 -26.07 5.91
CA GLY A 84 -7.45 -25.29 4.68
C GLY A 84 -7.43 -23.81 4.99
N PHE A 85 -7.42 -23.00 3.94
CA PHE A 85 -7.30 -21.57 4.08
C PHE A 85 -7.86 -20.87 2.83
N PRO A 86 -9.20 -20.84 2.70
CA PRO A 86 -9.85 -20.31 1.50
C PRO A 86 -9.72 -18.79 1.38
N ALA A 87 -8.95 -18.34 0.40
CA ALA A 87 -8.65 -16.92 0.24
C ALA A 87 -8.64 -16.50 -1.23
N GLU A 88 -8.93 -15.22 -1.45
CA GLU A 88 -9.07 -14.65 -2.77
C GLU A 88 -8.52 -13.23 -2.78
N LEU A 89 -7.70 -12.94 -3.78
CA LEU A 89 -7.28 -11.60 -4.11
C LEU A 89 -7.72 -11.35 -5.54
N THR A 90 -8.21 -10.15 -5.79
CA THR A 90 -8.62 -9.77 -7.12
C THR A 90 -8.12 -8.36 -7.38
N GLY A 91 -7.26 -8.22 -8.40
CA GLY A 91 -6.51 -6.97 -8.64
C GLY A 91 -6.88 -6.22 -9.91
N TRP A 92 -7.23 -4.94 -9.76
CA TRP A 92 -7.50 -4.04 -10.88
C TRP A 92 -6.47 -2.90 -10.85
N HIS A 93 -5.86 -2.61 -12.01
CA HIS A 93 -4.92 -1.51 -12.17
C HIS A 93 -5.65 -0.32 -12.76
N LEU A 94 -5.86 0.71 -11.97
CA LEU A 94 -6.42 1.91 -12.51
C LEU A 94 -5.15 2.68 -12.70
N GLY A 95 -4.50 2.49 -13.83
CA GLY A 95 -3.23 3.14 -14.03
C GLY A 95 -2.29 2.68 -12.93
N ASP A 96 -1.65 3.64 -12.29
CA ASP A 96 -0.72 3.41 -11.19
C ASP A 96 -1.32 2.87 -9.89
N LEU A 97 -2.47 3.43 -9.52
CA LEU A 97 -3.24 3.06 -8.33
C LEU A 97 -3.86 1.66 -8.48
N LEU A 98 -3.57 0.77 -7.54
CA LEU A 98 -4.04 -0.62 -7.55
C LEU A 98 -5.21 -0.83 -6.59
N ILE A 99 -6.33 -1.32 -7.13
CA ILE A 99 -7.48 -1.74 -6.33
C ILE A 99 -7.37 -3.25 -6.13
N VAL A 100 -7.46 -3.70 -4.88
CA VAL A 100 -7.47 -5.14 -4.58
C VAL A 100 -8.68 -5.53 -3.75
N GLN A 101 -9.47 -6.46 -4.27
CA GLN A 101 -10.55 -7.09 -3.51
C GLN A 101 -10.01 -8.33 -2.82
N GLN A 102 -9.98 -8.31 -1.49
CA GLN A 102 -9.45 -9.39 -0.68
C GLN A 102 -10.55 -10.09 0.12
N VAL A 103 -10.57 -11.42 0.06
CA VAL A 103 -11.37 -12.23 0.96
C VAL A 103 -10.43 -13.24 1.61
N THR A 104 -10.43 -13.27 2.93
CA THR A 104 -9.40 -13.98 3.66
C THR A 104 -9.88 -14.51 5.02
N PRO A 105 -9.41 -15.69 5.46
CA PRO A 105 -9.72 -16.18 6.82
C PRO A 105 -8.90 -15.46 7.91
N ALA A 106 -9.18 -15.76 9.18
CA ALA A 106 -8.45 -15.13 10.27
C ALA A 106 -7.00 -15.51 10.20
N HIS A 107 -6.12 -14.51 10.24
CA HIS A 107 -4.67 -14.74 10.28
C HIS A 107 -4.03 -13.55 10.96
N SER A 108 -2.73 -13.67 11.20
CA SER A 108 -1.94 -12.56 11.68
C SER A 108 -0.92 -12.16 10.60
N TYR A 109 -0.46 -10.91 10.69
CA TYR A 109 0.40 -10.32 9.66
C TYR A 109 1.49 -9.43 10.28
N GLU A 110 2.64 -9.45 9.63
CA GLU A 110 3.75 -8.55 9.99
C GLU A 110 4.42 -8.01 8.74
N ARG A 111 4.62 -6.70 8.70
CA ARG A 111 5.56 -6.06 7.78
C ARG A 111 6.64 -5.49 8.67
N SER A 112 7.84 -6.07 8.61
CA SER A 112 8.91 -5.76 9.57
C SER A 112 10.04 -4.83 9.06
N GLN A 113 10.87 -4.38 9.99
CA GLN A 113 12.07 -3.60 9.67
C GLN A 113 12.94 -4.33 8.66
N THR A 114 13.21 -5.60 8.91
CA THR A 114 14.04 -6.45 8.03
C THR A 114 13.51 -6.47 6.60
N MET A 115 12.19 -6.64 6.48
CA MET A 115 11.54 -6.63 5.20
C MET A 115 11.72 -5.26 4.54
N LEU A 116 11.60 -4.20 5.32
CA LEU A 116 11.69 -2.81 4.84
C LEU A 116 13.07 -2.31 4.35
N ARG A 117 14.13 -2.95 4.85
CA ARG A 117 15.50 -2.66 4.42
C ARG A 117 15.71 -2.90 2.92
N SER A 118 15.02 -3.90 2.40
CA SER A 118 15.17 -4.34 1.03
C SER A 118 13.93 -4.06 0.16
N SER A 119 12.78 -3.84 0.77
CA SER A 119 11.52 -3.76 0.03
C SER A 119 11.41 -2.48 -0.79
N PRO A 120 11.07 -2.62 -2.08
CA PRO A 120 10.73 -1.48 -2.94
C PRO A 120 9.29 -0.96 -2.81
N ILE A 121 8.51 -1.53 -1.90
CA ILE A 121 7.11 -1.16 -1.76
C ILE A 121 7.00 -0.08 -0.69
N ASP A 122 6.43 1.06 -1.05
CA ASP A 122 6.14 2.15 -0.10
C ASP A 122 4.81 2.84 -0.38
N HIS A 123 3.88 2.09 -0.95
CA HIS A 123 2.60 2.64 -1.33
C HIS A 123 1.89 3.17 -0.09
N TRP A 124 0.97 4.10 -0.29
CA TRP A 124 0.00 4.47 0.73
C TRP A 124 -1.13 3.45 0.63
N ASN A 125 -1.39 2.75 1.72
CA ASN A 125 -2.41 1.70 1.75
C ASN A 125 -3.62 2.25 2.48
N VAL A 126 -4.76 2.21 1.80
CA VAL A 126 -6.05 2.48 2.43
C VAL A 126 -6.91 1.27 2.21
N GLY A 127 -7.55 0.79 3.28
CA GLY A 127 -8.33 -0.45 3.19
C GLY A 127 -9.64 -0.33 3.92
N LEU A 128 -10.73 -0.68 3.23
CA LEU A 128 -12.08 -0.67 3.78
C LEU A 128 -12.54 -2.09 4.06
N PHE A 129 -13.14 -2.33 5.22
CA PHE A 129 -13.70 -3.65 5.55
C PHE A 129 -15.21 -3.68 5.27
N ARG A 130 -15.64 -4.62 4.45
CA ARG A 130 -17.07 -4.92 4.30
C ARG A 130 -17.51 -5.68 5.55
N SER A 131 -16.73 -6.71 5.89
CA SER A 131 -16.90 -7.48 7.11
C SER A 131 -15.54 -7.82 7.72
N GLY A 132 -15.54 -8.14 9.01
CA GLY A 132 -14.36 -8.50 9.75
C GLY A 132 -13.82 -7.30 10.53
N ARG A 133 -12.70 -7.54 11.20
CA ARG A 133 -12.11 -6.60 12.13
C ARG A 133 -10.63 -6.90 12.09
N SER A 134 -9.81 -5.86 12.04
CA SER A 134 -8.38 -6.03 12.21
C SER A 134 -7.96 -5.26 13.44
N TRP A 135 -6.81 -5.62 13.99
CA TRP A 135 -6.18 -4.92 15.08
C TRP A 135 -4.75 -4.78 14.68
N THR A 136 -4.25 -3.54 14.61
CA THR A 136 -2.91 -3.31 14.08
C THR A 136 -2.02 -2.43 14.95
N GLU A 137 -0.89 -3.00 15.35
CA GLU A 137 0.14 -2.32 16.09
C GLU A 137 1.13 -1.65 15.15
N ALA A 138 1.49 -0.42 15.47
CA ALA A 138 2.56 0.30 14.78
C ALA A 138 3.00 1.42 15.68
N ASP A 139 4.30 1.52 15.92
CA ASP A 139 4.86 2.56 16.77
C ASP A 139 4.17 2.52 18.13
N ARG A 140 4.10 1.32 18.71
CA ARG A 140 3.59 1.09 20.07
C ARG A 140 2.11 1.50 20.32
N ARG A 141 1.31 1.59 19.26
CA ARG A 141 -0.11 2.01 19.36
C ARG A 141 -0.96 1.06 18.55
N VAL A 142 -2.03 0.55 19.17
CA VAL A 142 -2.95 -0.34 18.48
C VAL A 142 -4.16 0.42 18.00
N THR A 143 -4.62 0.02 16.83
CA THR A 143 -5.74 0.61 16.14
C THR A 143 -6.64 -0.54 15.71
N GLU A 144 -7.95 -0.35 15.84
CA GLU A 144 -8.94 -1.35 15.46
C GLU A 144 -9.81 -0.83 14.33
N THR A 145 -9.92 -1.62 13.26
CA THR A 145 -10.71 -1.27 12.10
C THR A 145 -11.78 -2.32 12.00
N GLY A 146 -13.04 -1.90 12.00
CA GLY A 146 -14.17 -2.82 11.86
C GLY A 146 -14.96 -2.56 10.61
N PRO A 147 -16.06 -3.31 10.41
CA PRO A 147 -16.89 -3.17 9.20
C PRO A 147 -17.28 -1.72 8.91
N GLY A 148 -17.18 -1.33 7.63
CA GLY A 148 -17.54 0.00 7.18
C GLY A 148 -16.54 1.07 7.56
N GLU A 149 -15.34 0.68 8.00
CA GLU A 149 -14.28 1.62 8.34
C GLU A 149 -13.04 1.35 7.50
N PHE A 150 -12.22 2.38 7.35
CA PHE A 150 -10.92 2.28 6.68
C PHE A 150 -9.76 2.28 7.66
N PHE A 151 -8.73 1.51 7.35
CA PHE A 151 -7.39 1.80 7.90
C PHE A 151 -6.65 2.65 6.88
N PHE A 152 -5.77 3.51 7.38
CA PHE A 152 -4.75 4.15 6.56
C PHE A 152 -3.36 3.82 7.11
N ARG A 153 -2.44 3.49 6.19
CA ARG A 153 -1.07 3.07 6.53
C ARG A 153 -0.13 3.27 5.34
N SER A 154 1.07 3.80 5.61
CA SER A 154 2.16 3.68 4.65
C SER A 154 2.81 2.31 4.73
N LEU A 155 3.17 1.77 3.58
CA LEU A 155 3.89 0.50 3.53
C LEU A 155 5.40 0.66 3.77
N GLY A 156 5.85 1.89 4.00
CA GLY A 156 7.21 2.18 4.41
C GLY A 156 7.48 2.12 5.91
N TYR A 157 6.43 2.14 6.73
CA TYR A 157 6.57 1.93 8.18
C TYR A 157 6.14 0.52 8.52
N PRO A 158 6.86 -0.12 9.48
CA PRO A 158 6.48 -1.45 9.90
C PRO A 158 5.18 -1.47 10.69
N TYR A 159 4.53 -2.64 10.65
CA TYR A 159 3.34 -2.91 11.44
C TYR A 159 3.13 -4.42 11.69
N ARG A 160 2.55 -4.72 12.84
CA ARG A 160 2.15 -6.06 13.28
C ARG A 160 0.63 -6.02 13.44
N GLY A 161 -0.05 -7.09 13.11
CA GLY A 161 -1.45 -7.21 13.52
C GLY A 161 -2.10 -8.55 13.30
N ARG A 162 -3.39 -8.56 13.57
CA ARG A 162 -4.24 -9.72 13.35
C ARG A 162 -5.54 -9.26 12.73
N MET A 163 -6.10 -10.08 11.86
CA MET A 163 -7.49 -9.89 11.50
C MET A 163 -8.28 -11.17 11.66
N THR A 164 -9.55 -10.96 11.94
CA THR A 164 -10.54 -11.98 11.94
C THR A 164 -10.71 -12.34 10.43
N ASP A 165 -11.60 -13.28 10.10
CA ASP A 165 -11.96 -13.49 8.71
C ASP A 165 -12.62 -12.20 8.20
N ALA A 166 -12.36 -11.83 6.96
CA ALA A 166 -12.76 -10.52 6.50
C ALA A 166 -12.85 -10.45 5.00
N ALA A 167 -13.63 -9.47 4.54
CA ALA A 167 -13.69 -9.06 3.15
C ALA A 167 -13.35 -7.60 3.13
N SER A 168 -12.34 -7.23 2.36
CA SER A 168 -11.97 -5.84 2.26
C SER A 168 -11.78 -5.42 0.82
N ILE A 169 -11.84 -4.10 0.61
CA ILE A 169 -11.40 -3.49 -0.62
C ILE A 169 -10.23 -2.56 -0.28
N LEU A 170 -9.09 -2.78 -0.93
CA LEU A 170 -7.82 -2.14 -0.61
C LEU A 170 -7.31 -1.26 -1.76
N LEU A 171 -6.96 -0.01 -1.44
CA LEU A 171 -6.28 0.90 -2.37
C LEU A 171 -4.79 0.97 -2.05
N PHE A 172 -3.96 0.74 -3.07
CA PHE A 172 -2.52 0.94 -2.95
C PHE A 172 -2.18 2.07 -3.92
N MET A 173 -1.69 3.18 -3.38
CA MET A 173 -1.42 4.40 -4.13
C MET A 173 0.11 4.63 -4.12
N PRO A 174 0.74 4.80 -5.30
CA PRO A 174 2.20 5.00 -5.32
C PRO A 174 2.62 6.29 -4.63
N TYR A 175 3.79 6.28 -3.97
CA TYR A 175 4.23 7.39 -3.11
C TYR A 175 3.85 8.77 -3.62
N GLU A 176 4.11 8.98 -4.90
CA GLU A 176 4.00 10.29 -5.50
C GLU A 176 2.58 10.82 -5.61
N LEU A 177 1.61 9.92 -5.73
CA LEU A 177 0.19 10.30 -5.78
C LEU A 177 -0.19 11.26 -4.65
N LEU A 178 0.30 10.97 -3.45
CA LEU A 178 -0.04 11.72 -2.24
C LEU A 178 1.15 12.44 -1.61
N ALA A 179 2.31 12.46 -2.28
CA ALA A 179 3.54 13.04 -1.73
C ALA A 179 3.38 14.52 -1.31
N ASP A 180 2.51 15.25 -2.01
CA ASP A 180 2.21 16.65 -1.66
C ASP A 180 1.71 16.81 -0.21
N ASP A 181 0.85 15.90 0.25
CA ASP A 181 0.34 15.97 1.63
C ASP A 181 1.03 14.96 2.56
N ALA A 182 2.33 14.70 2.32
CA ALA A 182 3.09 13.68 3.07
C ALA A 182 3.34 14.02 4.54
N GLY A 183 3.28 15.29 4.92
CA GLY A 183 3.52 15.71 6.29
C GLY A 183 2.44 15.21 7.22
N LYS A 184 1.19 15.51 6.86
CA LYS A 184 0.02 15.00 7.58
C LYS A 184 -0.09 13.48 7.51
N LEU A 185 0.24 12.90 6.36
CA LEU A 185 0.15 11.45 6.17
C LEU A 185 1.14 10.64 7.03
N GLU A 186 2.32 11.18 7.29
CA GLU A 186 3.30 10.54 8.18
C GLU A 186 2.83 10.54 9.64
N GLY A 187 2.26 11.66 10.08
CA GLY A 187 1.75 11.78 11.43
C GLY A 187 0.48 10.98 11.71
N ALA A 188 -0.27 10.65 10.66
CA ALA A 188 -1.52 9.90 10.79
C ALA A 188 -1.39 8.42 10.42
N ASN A 189 -0.18 7.86 10.49
CA ASN A 189 0.03 6.48 10.06
C ASN A 189 -0.66 5.54 11.03
N ASN A 190 -1.30 4.51 10.48
CA ASN A 190 -2.04 3.50 11.23
C ASN A 190 -3.20 4.11 12.01
N SER A 191 -4.07 4.80 11.28
CA SER A 191 -5.29 5.35 11.87
C SER A 191 -6.54 4.80 11.20
N VAL A 192 -7.66 5.05 11.85
CA VAL A 192 -8.96 4.61 11.35
C VAL A 192 -9.66 5.80 10.74
N LEU A 193 -10.38 5.56 9.65
CA LEU A 193 -11.24 6.57 9.05
C LEU A 193 -12.68 6.12 9.24
N SER A 194 -13.42 6.85 10.07
CA SER A 194 -14.85 6.67 10.22
C SER A 194 -15.50 8.03 10.38
N GLY A 195 -16.78 8.11 9.99
CA GLY A 195 -17.51 9.39 9.91
C GLY A 195 -18.20 9.50 8.57
N ASN A 196 -18.81 10.66 8.32
CA ASN A 196 -19.44 10.91 7.02
C ASN A 196 -18.34 10.94 5.94
N LEU A 197 -17.23 11.57 6.29
CA LEU A 197 -16.07 11.70 5.39
C LEU A 197 -15.50 10.34 4.93
N ALA A 198 -15.55 9.34 5.82
CA ALA A 198 -15.25 7.96 5.44
C ALA A 198 -16.44 7.25 4.75
N ASP A 199 -17.67 7.54 5.21
CA ASP A 199 -18.88 7.05 4.51
C ASP A 199 -18.90 7.52 3.06
N LEU A 200 -18.50 8.77 2.84
CA LEU A 200 -18.39 9.36 1.49
C LEU A 200 -17.44 8.57 0.62
N LEU A 201 -16.24 8.34 1.13
CA LEU A 201 -15.22 7.57 0.44
C LEU A 201 -15.69 6.14 0.20
N ALA A 202 -16.37 5.55 1.19
CA ALA A 202 -16.91 4.21 1.03
C ALA A 202 -17.92 4.17 -0.09
N ASN A 203 -18.84 5.13 -0.10
CA ASN A 203 -19.87 5.24 -1.14
C ASN A 203 -19.25 5.30 -2.53
N TYR A 204 -18.21 6.13 -2.70
CA TYR A 204 -17.55 6.28 -3.98
C TYR A 204 -16.89 4.98 -4.41
N ILE A 205 -16.17 4.35 -3.48
CA ILE A 205 -15.48 3.08 -3.74
C ILE A 205 -16.47 1.96 -4.08
N ASN A 206 -17.60 1.92 -3.39
CA ASN A 206 -18.68 0.97 -3.69
C ASN A 206 -19.25 1.14 -5.09
N GLY A 207 -19.61 2.38 -5.43
CA GLY A 207 -20.06 2.72 -6.78
C GLY A 207 -19.05 2.37 -7.86
N MET A 208 -17.77 2.54 -7.55
CA MET A 208 -16.68 2.17 -8.45
C MET A 208 -16.58 0.64 -8.57
N GLU A 209 -16.53 -0.06 -7.43
CA GLU A 209 -16.45 -1.53 -7.40
C GLU A 209 -17.54 -2.18 -8.25
N GLU A 210 -18.78 -1.72 -8.08
CA GLU A 210 -19.89 -2.21 -8.90
C GLU A 210 -19.62 -2.02 -10.39
N ASN A 211 -19.02 -0.88 -10.75
CA ASN A 211 -18.74 -0.53 -12.15
C ASN A 211 -17.37 -0.97 -12.70
N LEU A 212 -16.50 -1.54 -11.85
CA LEU A 212 -15.26 -2.17 -12.33
C LEU A 212 -15.56 -3.16 -13.44
N GLY A 213 -14.79 -3.11 -14.51
CA GLY A 213 -15.07 -3.91 -15.70
C GLY A 213 -16.08 -3.29 -16.66
N ASN A 214 -16.23 -1.99 -16.53
CA ASN A 214 -17.01 -1.17 -17.43
C ASN A 214 -16.44 0.24 -17.43
N ILE A 215 -15.39 0.46 -16.65
CA ILE A 215 -14.90 1.81 -16.47
C ILE A 215 -14.35 2.65 -17.60
N THR A 216 -13.45 2.11 -18.40
CA THR A 216 -12.76 2.75 -19.56
C THR A 216 -11.66 3.71 -19.15
N VAL A 217 -10.62 3.79 -19.94
CA VAL A 217 -9.52 4.65 -19.55
C VAL A 217 -9.85 6.12 -19.46
N GLU A 218 -10.63 6.65 -20.39
CA GLU A 218 -10.85 8.09 -20.31
C GLU A 218 -11.17 8.53 -18.90
N GLU A 219 -12.03 7.76 -18.24
CA GLU A 219 -12.44 8.03 -16.88
C GLU A 219 -11.37 7.88 -15.80
N VAL A 220 -10.52 6.89 -15.95
CA VAL A 220 -9.57 6.61 -14.90
C VAL A 220 -8.80 7.76 -14.32
N PRO A 221 -8.25 8.60 -15.15
CA PRO A 221 -7.48 9.65 -14.46
C PRO A 221 -8.30 10.51 -13.50
N ARG A 222 -9.57 10.78 -13.83
CA ARG A 222 -10.44 11.54 -12.91
C ARG A 222 -10.86 10.71 -11.69
N ILE A 223 -11.08 9.41 -11.87
CA ILE A 223 -11.36 8.52 -10.74
C ILE A 223 -10.21 8.59 -9.76
N VAL A 224 -8.99 8.43 -10.29
CA VAL A 224 -7.77 8.47 -9.47
C VAL A 224 -7.69 9.79 -8.68
N ARG A 225 -8.04 10.87 -9.34
CA ARG A 225 -7.97 12.20 -8.73
C ARG A 225 -8.98 12.39 -7.57
N THR A 226 -10.22 11.92 -7.72
CA THR A 226 -11.21 12.12 -6.63
C THR A 226 -10.90 11.18 -5.47
N ILE A 227 -10.39 9.97 -5.78
CA ILE A 227 -9.89 9.08 -4.73
C ILE A 227 -8.70 9.70 -3.98
N ARG A 228 -7.79 10.34 -4.69
CA ARG A 228 -6.71 11.08 -4.03
C ARG A 228 -7.28 12.15 -3.08
N ASP A 229 -8.17 12.99 -3.61
CA ASP A 229 -8.75 14.08 -2.83
C ASP A 229 -9.54 13.56 -1.62
N MET A 230 -10.45 12.61 -1.87
CA MET A 230 -11.18 11.94 -0.79
C MET A 230 -10.25 11.37 0.29
N VAL A 231 -9.18 10.70 -0.11
CA VAL A 231 -8.25 10.09 0.85
C VAL A 231 -7.58 11.15 1.70
N VAL A 232 -6.94 12.09 1.04
CA VAL A 232 -6.20 13.14 1.74
C VAL A 232 -7.13 13.98 2.66
N ALA A 233 -8.37 14.19 2.24
CA ALA A 233 -9.41 14.80 3.09
C ALA A 233 -9.76 13.97 4.34
N CYS A 234 -9.90 12.66 4.19
CA CYS A 234 -10.14 11.79 5.34
C CYS A 234 -9.03 11.86 6.40
N VAL A 235 -7.77 11.96 5.96
CA VAL A 235 -6.64 11.95 6.87
C VAL A 235 -6.56 13.23 7.73
N ALA A 236 -7.29 14.30 7.37
CA ALA A 236 -7.60 15.38 8.35
C ALA A 236 -8.43 14.76 9.49
N ALA A 237 -7.70 14.18 10.45
CA ALA A 237 -8.22 13.35 11.54
C ALA A 237 -7.44 13.64 12.83
N VAL A 238 -8.03 13.28 13.98
CA VAL A 238 -7.47 13.64 15.32
C VAL A 238 -6.02 13.15 15.43
N ARG A 239 -5.13 14.05 15.84
CA ARG A 239 -3.69 13.76 15.85
C ARG A 239 -3.27 12.93 17.07
N PRO A 240 -2.39 11.92 16.87
CA PRO A 240 -1.58 11.38 17.98
C PRO A 240 -0.41 12.33 18.33
N ASP A 241 0.72 11.79 18.84
CA ASP A 241 1.92 12.60 19.08
C ASP A 241 3.21 11.77 19.14
N SER A 245 5.46 8.67 17.18
CA SER A 245 6.48 9.56 16.66
C SER A 245 7.89 8.95 16.59
N GLN A 246 8.05 7.68 17.01
CA GLN A 246 9.33 6.96 16.89
C GLN A 246 9.84 7.02 15.45
N ALA A 247 8.97 6.64 14.52
CA ALA A 247 9.21 6.79 13.08
C ALA A 247 10.51 6.12 12.55
N LYS A 248 10.44 4.80 12.34
CA LYS A 248 11.51 4.03 11.69
C LYS A 248 11.12 3.70 10.26
N MET A 249 11.29 4.70 9.39
CA MET A 249 10.88 4.62 7.98
C MET A 249 11.83 3.75 7.16
N GLY A 250 11.26 2.95 6.25
CA GLY A 250 12.04 2.09 5.35
C GLY A 250 12.76 2.87 4.26
N VAL A 251 13.82 2.28 3.72
CA VAL A 251 14.63 2.94 2.71
C VAL A 251 13.82 3.55 1.57
N MET A 252 12.94 2.78 0.94
CA MET A 252 12.29 3.24 -0.29
C MET A 252 11.39 4.43 -0.06
N GLU A 253 10.69 4.44 1.06
CA GLU A 253 9.86 5.58 1.44
C GLU A 253 10.76 6.81 1.67
N ARG A 254 11.90 6.60 2.32
CA ARG A 254 12.87 7.69 2.53
C ARG A 254 13.49 8.21 1.24
N ALA A 255 13.76 7.30 0.30
CA ALA A 255 14.28 7.65 -1.03
C ALA A 255 13.25 8.40 -1.88
N HIS A 256 12.04 7.85 -1.96
CA HIS A 256 10.96 8.52 -2.71
C HIS A 256 10.63 9.92 -2.18
N ARG A 257 10.75 10.10 -0.86
CA ARG A 257 10.53 11.40 -0.22
C ARG A 257 11.68 12.35 -0.52
N TYR A 258 12.91 11.88 -0.29
CA TYR A 258 14.09 12.69 -0.59
C TYR A 258 13.98 13.25 -2.00
N ILE A 259 13.78 12.35 -2.97
CA ILE A 259 13.59 12.74 -4.38
C ILE A 259 12.48 13.76 -4.55
N HIS A 260 11.34 13.54 -3.92
CA HIS A 260 10.20 14.47 -4.03
C HIS A 260 10.57 15.87 -3.55
N LEU A 261 11.25 15.94 -2.40
CA LEU A 261 11.67 17.23 -1.83
C LEU A 261 12.75 17.95 -2.64
N ASN A 262 13.71 17.20 -3.16
CA ASN A 262 14.88 17.76 -3.83
C ASN A 262 14.87 17.50 -5.33
N LEU A 263 13.68 17.49 -5.92
CA LEU A 263 13.51 17.18 -7.34
C LEU A 263 14.10 18.29 -8.22
N ASN A 264 13.84 19.54 -7.83
CA ASN A 264 14.29 20.73 -8.55
C ASN A 264 15.75 21.09 -8.28
N SER A 265 16.34 20.48 -7.25
CA SER A 265 17.79 20.56 -7.02
C SER A 265 18.53 19.81 -8.15
N GLY A 266 19.07 20.58 -9.10
CA GLY A 266 19.79 20.03 -10.27
C GLY A 266 21.03 19.19 -9.96
N ASP A 267 21.55 19.30 -8.73
CA ASP A 267 22.55 18.37 -8.18
C ASP A 267 21.94 17.08 -7.55
N LEU A 268 20.69 16.76 -7.86
CA LEU A 268 20.11 15.50 -7.45
C LEU A 268 20.71 14.38 -8.30
N THR A 269 21.86 13.88 -7.85
CA THR A 269 22.50 12.69 -8.40
C THR A 269 22.14 11.45 -7.57
N PRO A 270 22.51 10.25 -8.05
CA PRO A 270 22.39 9.06 -7.20
C PRO A 270 23.31 9.07 -5.98
N GLU A 271 24.46 9.74 -6.08
CA GLU A 271 25.44 9.78 -4.99
C GLU A 271 24.92 10.53 -3.78
N THR A 272 24.30 11.67 -4.01
CA THR A 272 23.70 12.45 -2.94
C THR A 272 22.59 11.68 -2.23
N ILE A 273 21.75 10.98 -3.00
CA ILE A 273 20.64 10.19 -2.44
C ILE A 273 21.22 9.12 -1.52
N CYS A 274 22.20 8.37 -2.04
CA CYS A 274 22.85 7.28 -1.31
C CYS A 274 23.48 7.74 0.00
N ARG A 275 24.26 8.80 -0.11
CA ARG A 275 24.86 9.45 1.05
C ARG A 275 23.76 9.81 2.06
N GLU A 276 22.72 10.49 1.58
CA GLU A 276 21.64 11.00 2.43
C GLU A 276 20.54 9.97 2.80
N LEU A 277 20.77 8.69 2.52
CA LEU A 277 20.03 7.56 3.12
C LEU A 277 20.90 6.70 4.05
N GLY A 278 22.22 6.90 4.03
CA GLY A 278 23.15 6.03 4.76
C GLY A 278 23.25 4.67 4.11
N ILE A 279 23.42 4.67 2.79
CA ILE A 279 23.34 3.43 2.00
C ILE A 279 24.25 3.48 0.76
N SER A 280 24.67 2.30 0.30
CA SER A 280 25.56 2.14 -0.85
C SER A 280 24.87 2.36 -2.18
N ARG A 281 25.68 2.53 -3.21
CA ARG A 281 25.22 2.74 -4.58
C ARG A 281 24.46 1.52 -5.13
N THR A 282 24.93 0.32 -4.78
CA THR A 282 24.30 -0.95 -5.16
C THR A 282 22.91 -1.13 -4.55
N ARG A 283 22.74 -0.72 -3.30
CA ARG A 283 21.43 -0.80 -2.68
C ARG A 283 20.41 0.13 -3.35
N LEU A 284 20.87 1.31 -3.78
CA LEU A 284 19.99 2.25 -4.48
C LEU A 284 19.52 1.66 -5.80
N TYR A 285 20.48 1.17 -6.57
CA TYR A 285 20.22 0.44 -7.80
C TYR A 285 19.21 -0.72 -7.61
N GLN A 286 19.34 -1.49 -6.53
CA GLN A 286 18.40 -2.57 -6.22
C GLN A 286 16.97 -2.08 -6.02
N LEU A 287 16.82 -1.05 -5.19
CA LEU A 287 15.49 -0.51 -4.92
C LEU A 287 14.81 -0.01 -6.18
N PHE A 288 15.59 0.52 -7.13
CA PHE A 288 15.05 1.12 -8.34
C PHE A 288 15.13 0.27 -9.61
N GLU A 289 15.54 -0.99 -9.49
CA GLU A 289 15.63 -1.89 -10.66
C GLU A 289 14.24 -2.34 -11.20
N PRO A 290 13.23 -2.46 -10.33
CA PRO A 290 11.86 -2.63 -10.81
C PRO A 290 11.31 -1.51 -11.70
N SER A 291 11.68 -0.27 -11.45
CA SER A 291 11.18 0.89 -12.21
C SER A 291 12.26 1.54 -13.10
N GLY A 292 13.12 0.71 -13.70
CA GLY A 292 14.07 1.20 -14.70
C GLY A 292 15.35 1.84 -14.22
N GLY A 293 15.46 2.12 -12.91
CA GLY A 293 16.66 2.74 -12.31
C GLY A 293 16.37 4.13 -11.74
N VAL A 294 17.29 4.63 -10.91
CA VAL A 294 17.07 5.89 -10.19
C VAL A 294 17.12 7.11 -11.13
N LEU A 295 17.97 7.04 -12.15
CA LEU A 295 18.06 8.11 -13.14
C LEU A 295 16.82 8.11 -13.99
N ASN A 296 16.42 6.93 -14.47
CA ASN A 296 15.20 6.81 -15.27
C ASN A 296 13.99 7.36 -14.51
N TYR A 297 13.94 7.09 -13.21
CA TYR A 297 12.86 7.54 -12.34
C TYR A 297 12.84 9.06 -12.15
N ILE A 298 14.01 9.66 -11.91
CA ILE A 298 14.12 11.12 -11.72
C ILE A 298 13.73 11.86 -13.01
N ARG A 299 14.15 11.33 -14.16
CA ARG A 299 13.77 11.88 -15.45
C ARG A 299 12.26 11.82 -15.67
N ARG A 300 11.64 10.67 -15.39
CA ARG A 300 10.18 10.55 -15.47
C ARG A 300 9.47 11.50 -14.52
N ARG A 301 10.00 11.64 -13.30
CA ARG A 301 9.45 12.57 -12.31
C ARG A 301 9.55 14.02 -12.79
N ARG A 302 10.77 14.42 -13.17
CA ARG A 302 11.02 15.75 -13.75
C ARG A 302 10.18 16.01 -15.00
N LEU A 303 9.94 14.96 -15.78
CA LEU A 303 9.11 15.07 -16.97
C LEU A 303 7.69 15.43 -16.58
N LEU A 304 7.25 14.89 -15.46
CA LEU A 304 5.93 15.19 -14.97
C LEU A 304 5.85 16.51 -14.23
N GLN A 305 6.93 16.96 -13.62
CA GLN A 305 6.83 18.23 -12.94
C GLN A 305 6.56 19.26 -13.99
N ALA A 306 7.26 19.14 -15.11
CA ALA A 306 7.12 20.05 -16.23
C ALA A 306 5.73 20.00 -16.84
N TYR A 307 5.14 18.82 -16.88
CA TYR A 307 3.81 18.64 -17.42
C TYR A 307 2.82 19.43 -16.60
N ALA A 308 1.82 19.96 -17.29
CA ALA A 308 0.76 20.84 -16.77
C ALA A 308 1.33 22.15 -16.22
N GLU A 309 2.39 22.62 -16.85
CA GLU A 309 3.05 23.88 -16.51
C GLU A 309 3.41 24.63 -17.78
N GLY A 370 5.12 -18.58 -10.68
CA GLY A 370 4.15 -18.24 -9.64
C GLY A 370 4.24 -16.76 -9.27
N ALA A 371 3.12 -16.03 -9.43
CA ALA A 371 3.07 -14.59 -9.20
C ALA A 371 2.85 -14.26 -7.72
N THR A 372 3.08 -12.99 -7.37
CA THR A 372 2.81 -12.46 -6.03
C THR A 372 2.19 -11.07 -6.12
N ILE A 373 1.80 -10.54 -4.96
CA ILE A 373 1.24 -9.19 -4.88
C ILE A 373 2.31 -8.11 -5.16
N GLY A 374 3.57 -8.43 -4.90
CA GLY A 374 4.70 -7.55 -5.25
C GLY A 374 4.75 -7.22 -6.72
N ASP A 375 4.40 -8.20 -7.55
CA ASP A 375 4.28 -8.04 -8.98
C ASP A 375 3.10 -7.16 -9.40
N TRP A 376 2.03 -7.18 -8.62
CA TRP A 376 0.86 -6.31 -8.84
C TRP A 376 1.18 -4.87 -8.45
N LEU A 377 2.10 -4.71 -7.50
CA LEU A 377 2.51 -3.40 -7.02
C LEU A 377 3.62 -2.71 -7.85
N LYS A 378 4.02 -3.29 -8.99
CA LYS A 378 5.00 -2.67 -9.91
C LYS A 378 4.35 -1.64 -10.86
N SER A 379 3.20 -1.99 -11.43
CA SER A 379 2.40 -1.08 -12.29
C SER A 379 3.03 -0.61 -13.62
N VAL A 380 4.10 -1.26 -14.08
CA VAL A 380 4.77 -0.87 -15.34
C VAL A 380 3.94 -1.28 -16.56
#